data_4LT5
#
_entry.id   4LT5
#
_cell.length_a   83.954
_cell.length_b   108.648
_cell.length_c   166.384
_cell.angle_alpha   90.00
_cell.angle_beta   90.00
_cell.angle_gamma   90.00
#
_symmetry.space_group_name_H-M   'I 21 21 21'
#
loop_
_entity.id
_entity.type
_entity.pdbx_description
1 polymer 'Naegleria Tet-like dioxygenase'
2 polymer DNA
3 polymer DNA
4 non-polymer 'MANGANESE (II) ION'
5 non-polymer 1,2-ETHANEDIOL
6 non-polymer 'SULFATE ION'
7 non-polymer N-OXALYLGLYCINE
8 water water
#
loop_
_entity_poly.entity_id
_entity_poly.type
_entity_poly.pdbx_seq_one_letter_code
_entity_poly.pdbx_strand_id
1 'polypeptide(L)'
;MHHHHHHTTFKQQTIKEKETKRKYCIKGTTANLTQTHPNGPVCVNRGEEVANTTTLLDSGGGINKKSLLQNLLSKCKTTF
QQSFTNANITLKDEKWLKNVRTAYFVCDHDGSVELAYLPNVLPKELVEEFTEKFESIQTGRKKDTGYSGILDNSMPFNYV
TADLSQELGQYLSEIVNPQINYYISKLLTCVSSRTINYLVSLNDSYYALNNCLYPSTAFNSLKPSNDGHRIRKPHKDNLD
ITPSSLFYFGNFQNTEGYLELTDKNCKVFVQPGDVLFFKGNEYKHVVANITSGWRIGLVYFAHKGSKTKPYYEDTQKNSL
KIHKETK
;
A
2 'polydeoxyribonucleotide' (DA)(DG)(DA)(DA)(DT)(DT)(DG)(5CM)(DG)(DT)(DT)(DC)(DC)(DA) B
3 'polydeoxyribonucleotide' (DT)(DG)(DG)(DA)(DA)(5CM)(DG)(DC)(DA)(DA)(DT)(DT)(DC)(DT) C
#
loop_
_chem_comp.id
_chem_comp.type
_chem_comp.name
_chem_comp.formula
5CM DNA linking 5-METHYL-2'-DEOXY-CYTIDINE-5'-MONOPHOSPHATE 'C10 H16 N3 O7 P'
DA DNA linking 2'-DEOXYADENOSINE-5'-MONOPHOSPHATE 'C10 H14 N5 O6 P'
DC DNA linking 2'-DEOXYCYTIDINE-5'-MONOPHOSPHATE 'C9 H14 N3 O7 P'
DG DNA linking 2'-DEOXYGUANOSINE-5'-MONOPHOSPHATE 'C10 H14 N5 O7 P'
DT DNA linking THYMIDINE-5'-MONOPHOSPHATE 'C10 H15 N2 O8 P'
EDO non-polymer 1,2-ETHANEDIOL 'C2 H6 O2'
MN non-polymer 'MANGANESE (II) ION' 'Mn 2'
OGA non-polymer N-OXALYLGLYCINE 'C4 H5 N O5'
SO4 non-polymer 'SULFATE ION' 'O4 S -2'
#
# COMPACT_ATOMS: atom_id res chain seq x y z
N ILE A 63 -23.11 -20.07 8.31
CA ILE A 63 -22.05 -20.64 9.13
C ILE A 63 -21.23 -19.55 9.81
N ASN A 64 -19.91 -19.74 9.85
CA ASN A 64 -19.01 -18.77 10.45
C ASN A 64 -18.65 -17.63 9.49
N LYS A 65 -19.24 -17.67 8.29
CA LYS A 65 -18.96 -16.68 7.27
C LYS A 65 -19.65 -15.35 7.57
N LYS A 66 -20.93 -15.42 7.93
CA LYS A 66 -21.71 -14.23 8.24
C LYS A 66 -21.26 -13.62 9.57
N SER A 67 -20.82 -14.46 10.49
CA SER A 67 -20.38 -14.01 11.81
C SER A 67 -19.03 -13.31 11.74
N LEU A 68 -18.20 -13.72 10.80
CA LEU A 68 -16.86 -13.15 10.66
C LEU A 68 -16.92 -11.72 10.15
N LEU A 69 -17.88 -11.45 9.28
CA LEU A 69 -18.07 -10.10 8.74
C LEU A 69 -18.54 -9.14 9.83
N GLN A 70 -19.47 -9.60 10.65
CA GLN A 70 -19.98 -8.80 11.76
C GLN A 70 -18.88 -8.53 12.77
N ASN A 71 -17.96 -9.47 12.90
CA ASN A 71 -16.82 -9.32 13.81
C ASN A 71 -15.84 -8.28 13.29
N LEU A 72 -15.57 -8.32 11.99
CA LEU A 72 -14.65 -7.38 11.37
C LEU A 72 -15.24 -5.98 11.30
N LEU A 73 -16.52 -5.90 10.96
CA LEU A 73 -17.22 -4.62 10.89
C LEU A 73 -17.25 -3.93 12.25
N SER A 74 -17.38 -4.73 13.31
CA SER A 74 -17.42 -4.20 14.67
C SER A 74 -16.15 -3.44 15.02
N LYS A 75 -15.01 -4.01 14.63
CA LYS A 75 -13.72 -3.39 14.90
C LYS A 75 -13.49 -2.17 14.01
N CYS A 76 -13.80 -2.31 12.72
CA CYS A 76 -13.56 -1.25 11.75
C CYS A 76 -14.42 -0.02 12.01
N LYS A 77 -15.70 -0.23 12.34
CA LYS A 77 -16.62 0.86 12.58
C LYS A 77 -16.27 1.66 13.84
N THR A 78 -15.81 0.98 14.87
CA THR A 78 -15.51 1.64 16.13
C THR A 78 -14.15 2.33 16.12
N THR A 79 -13.25 1.85 15.26
CA THR A 79 -11.90 2.41 15.17
C THR A 79 -11.86 3.61 14.23
N PHE A 80 -12.47 3.46 13.06
CA PHE A 80 -12.50 4.52 12.07
C PHE A 80 -13.63 5.52 12.34
N GLN A 81 -14.49 5.17 13.30
CA GLN A 81 -15.64 6.01 13.67
C GLN A 81 -16.52 6.35 12.48
N GLN A 82 -16.89 5.32 11.72
CA GLN A 82 -17.76 5.48 10.57
C GLN A 82 -18.46 4.16 10.24
N SER A 83 -19.64 4.23 9.65
CA SER A 83 -20.42 3.05 9.32
C SER A 83 -20.14 2.57 7.90
N PHE A 84 -19.80 1.29 7.75
CA PHE A 84 -19.54 0.70 6.45
C PHE A 84 -20.74 -0.10 5.97
N THR A 85 -21.62 0.54 5.20
CA THR A 85 -22.82 -0.11 4.69
C THR A 85 -22.50 -1.00 3.51
N ASN A 86 -23.41 -1.93 3.22
CA ASN A 86 -23.28 -2.86 2.09
C ASN A 86 -21.98 -3.66 2.14
N ALA A 87 -21.53 -4.01 3.34
CA ALA A 87 -20.31 -4.77 3.51
C ALA A 87 -20.48 -6.21 3.06
N ASN A 88 -19.47 -6.74 2.37
CA ASN A 88 -19.51 -8.10 1.87
C ASN A 88 -18.28 -8.89 2.31
N ILE A 89 -18.39 -10.21 2.29
CA ILE A 89 -17.30 -11.09 2.67
C ILE A 89 -17.32 -12.38 1.85
N THR A 90 -16.16 -12.79 1.37
CA THR A 90 -16.04 -14.05 0.64
C THR A 90 -14.82 -14.83 1.11
N LEU A 91 -14.61 -16.01 0.54
CA LEU A 91 -13.42 -16.80 0.85
C LEU A 91 -12.54 -16.88 -0.38
N LYS A 92 -11.24 -17.13 -0.17
CA LYS A 92 -10.29 -17.14 -1.28
C LYS A 92 -10.55 -18.27 -2.26
N ASP A 93 -11.20 -19.33 -1.80
CA ASP A 93 -11.54 -20.47 -2.65
C ASP A 93 -12.78 -20.18 -3.49
N GLU A 94 -13.73 -19.46 -2.90
CA GLU A 94 -15.00 -19.17 -3.54
C GLU A 94 -14.87 -18.17 -4.69
N LYS A 95 -16.00 -17.76 -5.26
CA LYS A 95 -16.00 -16.77 -6.33
C LYS A 95 -16.04 -15.36 -5.75
N TRP A 96 -15.11 -14.52 -6.20
CA TRP A 96 -15.03 -13.15 -5.72
C TRP A 96 -16.05 -12.28 -6.45
N LEU A 97 -16.38 -11.13 -5.85
CA LEU A 97 -17.31 -10.19 -6.46
C LEU A 97 -16.71 -9.57 -7.72
N LYS A 98 -17.52 -9.46 -8.77
CA LYS A 98 -17.05 -8.89 -10.03
C LYS A 98 -16.79 -7.39 -9.87
N ASN A 99 -17.63 -6.71 -9.11
CA ASN A 99 -17.48 -5.29 -8.86
C ASN A 99 -17.55 -4.95 -7.38
N VAL A 100 -16.54 -4.24 -6.89
CA VAL A 100 -16.48 -3.84 -5.48
C VAL A 100 -16.45 -2.33 -5.34
N ARG A 101 -17.45 -1.77 -4.67
CA ARG A 101 -17.53 -0.33 -4.47
C ARG A 101 -17.79 0.00 -3.00
N THR A 102 -18.02 -1.02 -2.19
CA THR A 102 -18.25 -0.85 -0.77
C THR A 102 -17.23 -1.68 0.02
N ALA A 103 -17.42 -1.75 1.34
CA ALA A 103 -16.54 -2.53 2.20
C ALA A 103 -16.51 -3.99 1.76
N TYR A 104 -15.32 -4.59 1.79
CA TYR A 104 -15.15 -5.94 1.27
C TYR A 104 -13.95 -6.65 1.90
N PHE A 105 -14.17 -7.89 2.33
CA PHE A 105 -13.12 -8.70 2.93
C PHE A 105 -13.09 -10.09 2.30
N VAL A 106 -11.89 -10.63 2.10
CA VAL A 106 -11.75 -12.04 1.72
C VAL A 106 -10.90 -12.74 2.76
N CYS A 107 -11.15 -14.04 2.95
CA CYS A 107 -10.45 -14.79 3.99
C CYS A 107 -10.09 -16.20 3.55
N ASP A 108 -9.16 -16.81 4.27
CA ASP A 108 -8.78 -18.20 4.01
C ASP A 108 -9.52 -19.14 4.97
N HIS A 109 -9.08 -20.39 5.00
CA HIS A 109 -9.73 -21.41 5.84
C HIS A 109 -9.54 -21.13 7.33
N ASP A 110 -8.39 -20.56 7.68
CA ASP A 110 -8.09 -20.24 9.07
C ASP A 110 -8.88 -19.02 9.56
N GLY A 111 -9.26 -18.15 8.63
CA GLY A 111 -10.01 -16.96 8.97
C GLY A 111 -9.19 -15.69 8.83
N SER A 112 -7.94 -15.84 8.39
CA SER A 112 -7.05 -14.70 8.19
C SER A 112 -7.54 -13.82 7.06
N VAL A 113 -7.27 -12.53 7.14
CA VAL A 113 -7.70 -11.59 6.11
C VAL A 113 -6.66 -11.46 5.00
N GLU A 114 -7.04 -11.89 3.80
CA GLU A 114 -6.16 -11.80 2.63
C GLU A 114 -6.36 -10.46 1.92
N LEU A 115 -7.57 -9.93 1.99
CA LEU A 115 -7.87 -8.64 1.38
C LEU A 115 -8.90 -7.85 2.21
N ALA A 116 -8.71 -6.54 2.26
CA ALA A 116 -9.63 -5.66 2.97
C ALA A 116 -9.70 -4.30 2.27
N TYR A 117 -10.92 -3.89 1.92
CA TYR A 117 -11.12 -2.61 1.23
C TYR A 117 -12.12 -1.74 1.98
N LEU A 118 -11.64 -0.64 2.55
CA LEU A 118 -12.48 0.27 3.32
C LEU A 118 -12.54 1.64 2.65
N PRO A 119 -13.71 1.98 2.07
CA PRO A 119 -13.91 3.23 1.32
C PRO A 119 -13.95 4.47 2.23
N ASN A 120 -13.27 5.53 1.79
CA ASN A 120 -13.31 6.83 2.46
C ASN A 120 -12.97 6.77 3.96
N VAL A 121 -11.71 6.53 4.27
CA VAL A 121 -11.26 6.50 5.66
C VAL A 121 -10.45 7.74 6.00
N LEU A 122 -9.88 8.37 4.98
CA LEU A 122 -9.11 9.60 5.18
C LEU A 122 -10.01 10.81 5.04
N PRO A 123 -9.85 11.78 5.96
CA PRO A 123 -10.62 13.04 5.89
C PRO A 123 -10.34 13.78 4.59
N LYS A 124 -11.38 14.38 4.02
CA LYS A 124 -11.29 15.03 2.72
C LYS A 124 -10.26 16.14 2.67
N GLU A 125 -10.13 16.88 3.77
CA GLU A 125 -9.13 17.94 3.88
C GLU A 125 -7.72 17.37 3.76
N LEU A 126 -7.52 16.21 4.37
CA LEU A 126 -6.22 15.54 4.35
C LEU A 126 -5.90 15.01 2.96
N VAL A 127 -6.92 14.49 2.27
CA VAL A 127 -6.75 13.98 0.92
C VAL A 127 -6.44 15.09 -0.07
N GLU A 128 -7.19 16.19 0.04
CA GLU A 128 -6.99 17.34 -0.84
C GLU A 128 -5.63 18.01 -0.60
N GLU A 129 -5.23 18.09 0.67
CA GLU A 129 -3.96 18.69 1.04
C GLU A 129 -2.77 17.92 0.47
N PHE A 130 -2.79 16.60 0.64
CA PHE A 130 -1.71 15.75 0.14
C PHE A 130 -1.68 15.70 -1.38
N THR A 131 -2.87 15.73 -1.98
CA THR A 131 -3.00 15.67 -3.44
C THR A 131 -2.32 16.86 -4.12
N GLU A 132 -2.67 18.07 -3.67
CA GLU A 132 -2.13 19.29 -4.26
C GLU A 132 -0.61 19.36 -4.12
N LYS A 133 -0.09 18.85 -3.01
CA LYS A 133 1.35 18.84 -2.77
C LYS A 133 2.04 17.78 -3.63
N PHE A 134 1.42 16.61 -3.72
CA PHE A 134 1.96 15.52 -4.53
C PHE A 134 2.05 15.92 -6.00
N GLU A 135 1.00 16.54 -6.50
CA GLU A 135 0.96 16.98 -7.90
C GLU A 135 1.96 18.11 -8.15
N SER A 136 2.22 18.91 -7.12
CA SER A 136 3.16 20.02 -7.22
C SER A 136 4.61 19.51 -7.29
N ILE A 137 4.89 18.45 -6.51
CA ILE A 137 6.21 17.86 -6.48
C ILE A 137 6.48 17.01 -7.72
N GLN A 138 5.50 16.20 -8.09
CA GLN A 138 5.63 15.29 -9.23
C GLN A 138 5.82 16.03 -10.55
N THR A 139 5.30 17.25 -10.62
CA THR A 139 5.44 18.09 -11.81
C THR A 139 6.92 18.35 -12.13
N GLY A 140 7.72 18.52 -11.08
CA GLY A 140 9.14 18.78 -11.24
C GLY A 140 9.98 17.51 -11.26
N ARG A 141 9.31 16.37 -11.35
CA ARG A 141 10.01 15.08 -11.39
C ARG A 141 9.97 14.46 -12.79
N LYS A 142 10.90 13.56 -13.06
CA LYS A 142 11.00 12.93 -14.36
C LYS A 142 10.29 11.57 -14.41
N LYS A 143 10.58 10.73 -13.42
CA LYS A 143 10.00 9.39 -13.38
C LYS A 143 8.62 9.38 -12.74
N ASP A 144 7.78 8.45 -13.16
CA ASP A 144 6.42 8.35 -12.65
C ASP A 144 6.32 7.50 -11.38
N THR A 145 7.46 7.18 -10.80
CA THR A 145 7.50 6.40 -9.56
C THR A 145 8.46 7.02 -8.55
N GLY A 146 8.16 6.85 -7.27
CA GLY A 146 9.00 7.36 -6.20
C GLY A 146 8.99 6.42 -5.01
N TYR A 147 10.08 6.43 -4.25
CA TYR A 147 10.21 5.53 -3.11
C TYR A 147 10.86 6.21 -1.91
N SER A 148 10.27 6.03 -0.74
CA SER A 148 10.85 6.53 0.50
C SER A 148 11.14 5.35 1.42
N GLY A 149 12.10 5.53 2.34
CA GLY A 149 12.48 4.47 3.24
C GLY A 149 13.60 3.63 2.67
N ILE A 150 13.54 2.32 2.89
CA ILE A 150 14.58 1.42 2.41
C ILE A 150 14.15 0.67 1.16
N LEU A 151 15.07 -0.09 0.59
CA LEU A 151 14.83 -0.86 -0.62
C LEU A 151 15.92 -1.90 -0.75
N ASP A 152 15.61 -3.04 -1.35
CA ASP A 152 16.59 -4.13 -1.45
C ASP A 152 16.62 -4.75 -2.84
N ASN A 153 16.05 -4.05 -3.82
CA ASN A 153 15.98 -4.55 -5.18
C ASN A 153 17.36 -4.66 -5.84
N SER A 154 17.63 -5.82 -6.43
CA SER A 154 18.86 -6.08 -7.18
C SER A 154 20.13 -5.96 -6.34
N MET A 155 19.99 -6.03 -5.02
CA MET A 155 21.14 -5.93 -4.12
C MET A 155 21.01 -6.92 -2.96
N PRO A 156 22.15 -7.40 -2.44
CA PRO A 156 22.17 -8.32 -1.30
C PRO A 156 22.06 -7.58 0.03
N PHE A 157 21.51 -6.37 0.01
CA PHE A 157 21.39 -5.55 1.21
C PHE A 157 20.24 -4.55 1.07
N ASN A 158 19.82 -3.99 2.20
CA ASN A 158 18.85 -2.91 2.19
C ASN A 158 19.56 -1.56 2.09
N TYR A 159 19.00 -0.65 1.31
CA TYR A 159 19.62 0.65 1.09
C TYR A 159 18.61 1.79 1.09
N VAL A 160 19.06 2.97 1.49
CA VAL A 160 18.25 4.18 1.47
C VAL A 160 17.91 4.56 0.04
N THR A 161 16.63 4.80 -0.22
CA THR A 161 16.18 5.18 -1.57
C THR A 161 16.76 6.54 -1.97
N ALA A 162 16.94 6.73 -3.27
CA ALA A 162 17.52 7.96 -3.79
C ALA A 162 16.56 9.14 -3.63
N ASP A 163 15.26 8.84 -3.62
CA ASP A 163 14.24 9.88 -3.53
C ASP A 163 14.10 10.45 -2.13
N LEU A 164 14.55 9.71 -1.13
CA LEU A 164 14.41 10.13 0.27
C LEU A 164 15.08 11.47 0.55
N SER A 165 16.18 11.73 -0.15
CA SER A 165 16.88 13.00 -0.01
C SER A 165 16.23 14.08 -0.87
N GLN A 166 15.38 13.66 -1.79
CA GLN A 166 14.70 14.60 -2.69
C GLN A 166 13.43 15.17 -2.05
N GLU A 167 12.79 16.11 -2.76
CA GLU A 167 11.61 16.79 -2.25
C GLU A 167 10.44 15.83 -2.02
N LEU A 168 10.33 14.82 -2.87
CA LEU A 168 9.26 13.83 -2.76
C LEU A 168 9.45 12.95 -1.52
N GLY A 169 10.67 12.45 -1.34
CA GLY A 169 10.98 11.58 -0.22
C GLY A 169 10.97 12.29 1.12
N GLN A 170 11.27 13.60 1.09
CA GLN A 170 11.23 14.40 2.30
C GLN A 170 9.79 14.68 2.72
N TYR A 171 8.93 14.94 1.73
CA TYR A 171 7.53 15.20 2.01
C TYR A 171 6.82 13.97 2.54
N LEU A 172 7.18 12.80 2.00
CA LEU A 172 6.60 11.55 2.44
C LEU A 172 7.01 11.21 3.87
N SER A 173 8.32 11.15 4.11
CA SER A 173 8.85 10.70 5.39
C SER A 173 8.57 11.66 6.55
N GLU A 174 8.58 12.96 6.26
CA GLU A 174 8.44 13.96 7.32
C GLU A 174 6.99 14.39 7.57
N ILE A 175 6.18 14.43 6.51
CA ILE A 175 4.81 14.93 6.64
C ILE A 175 3.76 13.84 6.43
N VAL A 176 3.78 13.21 5.26
CA VAL A 176 2.75 12.23 4.89
C VAL A 176 2.77 10.99 5.77
N ASN A 177 3.90 10.30 5.80
CA ASN A 177 4.04 9.06 6.57
C ASN A 177 3.66 9.10 8.05
N PRO A 178 4.07 10.15 8.79
CA PRO A 178 3.67 10.20 10.20
C PRO A 178 2.15 10.24 10.39
N GLN A 179 1.43 10.84 9.45
CA GLN A 179 -0.01 10.94 9.55
C GLN A 179 -0.71 9.68 9.03
N ILE A 180 -0.23 9.17 7.90
CA ILE A 180 -0.79 7.96 7.30
C ILE A 180 -0.54 6.74 8.20
N ASN A 181 0.58 6.76 8.92
CA ASN A 181 0.94 5.68 9.84
C ASN A 181 -0.16 5.43 10.88
N TYR A 182 -0.87 6.49 11.24
CA TYR A 182 -1.96 6.39 12.21
C TYR A 182 -3.13 5.59 11.63
N TYR A 183 -3.43 5.83 10.35
CA TYR A 183 -4.50 5.11 9.68
C TYR A 183 -4.09 3.70 9.30
N ILE A 184 -2.79 3.51 9.09
CA ILE A 184 -2.25 2.17 8.88
C ILE A 184 -2.37 1.40 10.19
N SER A 185 -2.14 2.11 11.30
CA SER A 185 -2.29 1.52 12.63
C SER A 185 -3.74 1.17 12.89
N LYS A 186 -4.66 2.03 12.46
CA LYS A 186 -6.08 1.76 12.56
C LYS A 186 -6.42 0.50 11.75
N LEU A 187 -5.89 0.44 10.54
CA LEU A 187 -6.18 -0.65 9.62
C LEU A 187 -5.69 -2.00 10.13
N LEU A 188 -4.41 -2.07 10.49
CA LEU A 188 -3.79 -3.32 10.91
C LEU A 188 -4.39 -3.88 12.19
N THR A 189 -4.72 -3.00 13.13
CA THR A 189 -5.29 -3.43 14.40
C THR A 189 -6.68 -4.03 14.24
N CYS A 190 -7.29 -3.81 13.09
CA CYS A 190 -8.64 -4.30 12.82
C CYS A 190 -8.63 -5.59 11.98
N VAL A 191 -7.88 -5.58 10.89
CA VAL A 191 -7.94 -6.67 9.91
C VAL A 191 -6.80 -7.68 9.98
N SER A 192 -5.66 -7.27 10.52
CA SER A 192 -4.49 -8.16 10.56
C SER A 192 -3.55 -7.80 11.69
N SER A 193 -3.78 -8.38 12.86
CA SER A 193 -2.97 -8.10 14.04
C SER A 193 -1.53 -8.58 13.89
N ARG A 194 -1.35 -9.79 13.34
CA ARG A 194 -0.01 -10.36 13.24
C ARG A 194 0.82 -9.73 12.11
N THR A 195 0.23 -8.79 11.38
CA THR A 195 0.97 -8.02 10.40
C THR A 195 1.70 -6.87 11.09
N ILE A 196 1.00 -6.19 12.00
CA ILE A 196 1.62 -5.12 12.78
C ILE A 196 2.57 -5.71 13.82
N ASN A 197 2.35 -6.96 14.20
CA ASN A 197 3.24 -7.64 15.13
CA ASN A 197 3.23 -7.66 15.12
C ASN A 197 4.57 -7.96 14.47
N TYR A 198 4.54 -8.15 13.15
CA TYR A 198 5.74 -8.44 12.39
C TYR A 198 6.53 -7.18 12.07
N LEU A 199 5.82 -6.13 11.71
CA LEU A 199 6.45 -4.86 11.32
C LEU A 199 7.21 -4.22 12.47
N VAL A 200 6.79 -4.51 13.70
CA VAL A 200 7.44 -3.93 14.88
C VAL A 200 8.62 -4.78 15.36
N SER A 201 8.92 -5.85 14.62
CA SER A 201 10.05 -6.70 14.95
C SER A 201 11.26 -6.33 14.09
N LEU A 202 11.05 -5.39 13.17
CA LEU A 202 12.10 -4.96 12.26
C LEU A 202 13.09 -4.03 12.96
N ASN A 203 14.14 -3.64 12.23
CA ASN A 203 15.15 -2.74 12.76
C ASN A 203 14.57 -1.37 13.09
N ASP A 204 15.03 -0.78 14.18
CA ASP A 204 14.55 0.53 14.63
C ASP A 204 14.83 1.61 13.59
N SER A 205 15.92 1.44 12.85
CA SER A 205 16.33 2.43 11.85
C SER A 205 15.33 2.55 10.72
N TYR A 206 14.68 1.43 10.38
CA TYR A 206 13.69 1.42 9.30
C TYR A 206 12.47 2.25 9.67
N TYR A 207 12.00 2.06 10.90
CA TYR A 207 10.83 2.78 11.40
C TYR A 207 11.12 4.27 11.54
N ALA A 208 12.36 4.61 11.87
CA ALA A 208 12.74 5.99 12.07
C ALA A 208 13.04 6.69 10.74
N LEU A 209 13.49 5.91 9.76
CA LEU A 209 13.83 6.45 8.45
C LEU A 209 12.59 6.81 7.65
N ASN A 210 11.58 5.95 7.74
CA ASN A 210 10.36 6.12 6.96
C ASN A 210 9.22 6.72 7.76
N ASN A 211 9.42 6.83 9.08
CA ASN A 211 8.38 7.30 10.00
C ASN A 211 7.06 6.55 9.82
N CYS A 212 7.17 5.23 9.67
CA CYS A 212 6.01 4.40 9.42
C CYS A 212 6.30 2.94 9.79
N LEU A 213 5.26 2.18 10.07
CA LEU A 213 5.40 0.76 10.38
C LEU A 213 6.00 -0.01 9.22
N TYR A 214 5.65 0.40 8.01
CA TYR A 214 6.22 -0.19 6.80
C TYR A 214 7.58 0.46 6.50
N PRO A 215 8.59 -0.37 6.21
CA PRO A 215 9.97 0.08 5.96
C PRO A 215 10.09 0.95 4.71
N SER A 216 9.16 0.77 3.78
CA SER A 216 9.23 1.48 2.50
C SER A 216 7.86 1.88 1.98
N THR A 217 7.83 2.91 1.16
CA THR A 217 6.58 3.42 0.59
C THR A 217 6.75 3.71 -0.90
N ALA A 218 5.82 3.21 -1.71
CA ALA A 218 5.86 3.45 -3.14
C ALA A 218 4.94 4.59 -3.54
N PHE A 219 5.42 5.43 -4.47
CA PHE A 219 4.64 6.56 -4.96
C PHE A 219 4.34 6.40 -6.45
N ASN A 220 3.08 6.14 -6.77
CA ASN A 220 2.68 5.92 -8.16
C ASN A 220 1.90 7.09 -8.75
N SER A 221 2.48 7.74 -9.75
CA SER A 221 1.81 8.83 -10.44
C SER A 221 1.29 8.37 -11.79
N LEU A 222 0.00 8.03 -11.84
CA LEU A 222 -0.60 7.54 -13.07
C LEU A 222 -1.43 8.61 -13.79
N LYS A 223 -0.89 9.11 -14.89
CA LYS A 223 -1.61 10.05 -15.74
C LYS A 223 -2.35 9.29 -16.83
N PRO A 224 -3.39 9.91 -17.43
CA PRO A 224 -4.15 9.27 -18.50
C PRO A 224 -3.30 8.80 -19.68
N SER A 225 -3.69 7.68 -20.28
CA SER A 225 -3.05 7.13 -21.46
C SER A 225 -1.58 6.74 -21.24
N ASN A 226 -1.25 6.35 -20.01
CA ASN A 226 0.10 5.87 -19.70
C ASN A 226 0.11 4.37 -19.47
N ASP A 227 0.13 3.60 -20.54
CA ASP A 227 0.11 2.15 -20.47
C ASP A 227 1.50 1.59 -20.14
N GLY A 228 2.49 2.48 -20.10
CA GLY A 228 3.86 2.09 -19.83
C GLY A 228 4.19 1.98 -18.36
N HIS A 229 3.28 2.43 -17.51
CA HIS A 229 3.49 2.39 -16.06
C HIS A 229 3.52 0.95 -15.57
N ARG A 230 4.32 0.68 -14.55
CA ARG A 230 4.50 -0.66 -14.04
C ARG A 230 3.23 -1.24 -13.40
N ILE A 231 2.38 -0.36 -12.87
CA ILE A 231 1.15 -0.81 -12.24
C ILE A 231 0.06 -1.06 -13.28
N ARG A 232 0.32 -0.63 -14.51
CA ARG A 232 -0.62 -0.84 -15.61
C ARG A 232 -0.47 -2.23 -16.22
N LYS A 233 0.56 -2.95 -15.79
CA LYS A 233 0.82 -4.29 -16.28
C LYS A 233 0.55 -5.31 -15.19
N PRO A 234 -0.16 -6.40 -15.53
CA PRO A 234 -0.47 -7.48 -14.58
C PRO A 234 0.80 -8.07 -13.98
N HIS A 235 0.83 -8.17 -12.65
CA HIS A 235 2.05 -8.60 -11.97
C HIS A 235 1.78 -9.10 -10.56
N LYS A 236 2.86 -9.57 -9.92
CA LYS A 236 2.84 -9.90 -8.50
C LYS A 236 4.10 -9.32 -7.88
N ASP A 237 3.94 -8.62 -6.76
CA ASP A 237 5.10 -8.13 -6.03
C ASP A 237 5.70 -9.27 -5.22
N ASN A 238 6.50 -10.09 -5.90
CA ASN A 238 7.02 -11.34 -5.35
C ASN A 238 8.10 -11.18 -4.27
N LEU A 239 8.35 -9.94 -3.87
CA LEU A 239 9.32 -9.67 -2.83
C LEU A 239 8.65 -9.32 -1.50
N ASP A 240 7.36 -9.03 -1.57
CA ASP A 240 6.58 -8.67 -0.38
C ASP A 240 6.46 -9.84 0.59
N ILE A 241 6.72 -9.57 1.87
CA ILE A 241 6.61 -10.59 2.90
C ILE A 241 5.30 -10.43 3.66
N THR A 242 4.76 -9.21 3.65
CA THR A 242 3.50 -8.91 4.31
C THR A 242 2.56 -8.23 3.32
N PRO A 243 1.23 -8.31 3.57
CA PRO A 243 0.28 -7.61 2.71
C PRO A 243 0.51 -6.10 2.75
N SER A 244 0.40 -5.44 1.61
CA SER A 244 0.66 -4.01 1.52
C SER A 244 -0.58 -3.20 1.90
N SER A 245 -0.36 -2.00 2.41
CA SER A 245 -1.44 -1.07 2.69
C SER A 245 -1.44 0.05 1.64
N LEU A 246 -2.51 0.13 0.86
CA LEU A 246 -2.57 1.06 -0.25
C LEU A 246 -3.51 2.24 0.00
N PHE A 247 -3.00 3.44 -0.22
CA PHE A 247 -3.79 4.65 -0.07
C PHE A 247 -3.84 5.35 -1.42
N TYR A 248 -4.93 6.08 -1.68
CA TYR A 248 -5.11 6.71 -2.99
C TYR A 248 -5.39 8.20 -2.90
N PHE A 249 -4.89 8.95 -3.88
CA PHE A 249 -5.05 10.40 -3.92
C PHE A 249 -5.27 10.87 -5.34
N GLY A 250 -5.32 12.19 -5.52
CA GLY A 250 -5.63 12.76 -6.82
C GLY A 250 -7.13 12.81 -7.03
N ASN A 251 -7.56 12.70 -8.29
CA ASN A 251 -8.99 12.70 -8.60
C ASN A 251 -9.27 11.99 -9.92
N PHE A 252 -10.08 10.94 -9.85
CA PHE A 252 -10.43 10.17 -11.04
C PHE A 252 -11.81 9.50 -10.91
N GLN A 253 -12.37 9.09 -12.03
CA GLN A 253 -13.73 8.56 -12.06
C GLN A 253 -13.91 7.20 -11.37
N ASN A 254 -15.17 6.88 -11.07
CA ASN A 254 -15.55 5.64 -10.42
C ASN A 254 -15.26 4.40 -11.27
N THR A 255 -15.34 4.57 -12.59
CA THR A 255 -15.22 3.46 -13.52
C THR A 255 -13.80 3.19 -14.03
N GLU A 256 -12.88 4.09 -13.73
CA GLU A 256 -11.51 3.97 -14.21
C GLU A 256 -10.51 3.90 -13.05
N GLY A 257 -9.29 3.48 -13.35
CA GLY A 257 -8.23 3.43 -12.36
C GLY A 257 -8.45 2.41 -11.26
N TYR A 258 -9.34 1.45 -11.51
CA TYR A 258 -9.64 0.41 -10.54
C TYR A 258 -8.54 -0.64 -10.47
N LEU A 259 -8.44 -1.33 -9.34
CA LEU A 259 -7.50 -2.43 -9.21
C LEU A 259 -8.20 -3.75 -9.47
N GLU A 260 -7.75 -4.46 -10.50
CA GLU A 260 -8.36 -5.73 -10.86
C GLU A 260 -7.46 -6.90 -10.53
N LEU A 261 -7.99 -7.88 -9.80
CA LEU A 261 -7.28 -9.12 -9.55
C LEU A 261 -7.62 -10.11 -10.66
N THR A 262 -6.69 -10.30 -11.58
CA THR A 262 -6.93 -11.04 -12.82
C THR A 262 -7.41 -12.47 -12.62
N ASP A 263 -6.73 -13.22 -11.75
CA ASP A 263 -7.05 -14.62 -11.52
C ASP A 263 -8.39 -14.81 -10.82
N LYS A 264 -8.87 -13.75 -10.18
CA LYS A 264 -10.12 -13.83 -9.42
C LYS A 264 -11.25 -13.08 -10.13
N ASN A 265 -10.91 -12.39 -11.22
CA ASN A 265 -11.86 -11.60 -11.98
C ASN A 265 -12.61 -10.58 -11.13
N CYS A 266 -11.90 -10.00 -10.17
CA CYS A 266 -12.49 -9.04 -9.24
C CYS A 266 -11.96 -7.63 -9.48
N LYS A 267 -12.86 -6.68 -9.66
CA LYS A 267 -12.47 -5.28 -9.86
C LYS A 267 -12.80 -4.42 -8.66
N VAL A 268 -11.77 -3.87 -8.02
CA VAL A 268 -11.97 -2.97 -6.89
C VAL A 268 -11.88 -1.51 -7.36
N PHE A 269 -13.01 -0.83 -7.39
CA PHE A 269 -13.06 0.54 -7.88
C PHE A 269 -12.61 1.52 -6.81
N VAL A 270 -11.30 1.72 -6.71
CA VAL A 270 -10.71 2.58 -5.69
C VAL A 270 -10.94 4.06 -5.98
N GLN A 271 -10.97 4.86 -4.92
CA GLN A 271 -11.12 6.30 -5.03
C GLN A 271 -10.21 6.97 -4.00
N PRO A 272 -9.81 8.23 -4.28
CA PRO A 272 -8.97 8.97 -3.33
C PRO A 272 -9.59 9.08 -1.94
N GLY A 273 -8.91 8.54 -0.94
CA GLY A 273 -9.41 8.53 0.41
C GLY A 273 -9.65 7.13 0.94
N ASP A 274 -9.59 6.15 0.04
CA ASP A 274 -9.84 4.75 0.38
C ASP A 274 -8.56 4.03 0.79
N VAL A 275 -8.71 2.94 1.54
CA VAL A 275 -7.59 2.07 1.85
C VAL A 275 -7.77 0.69 1.25
N LEU A 276 -6.67 0.10 0.80
CA LEU A 276 -6.69 -1.26 0.29
C LEU A 276 -5.56 -2.07 0.91
N PHE A 277 -5.91 -3.23 1.45
CA PHE A 277 -4.96 -4.08 2.16
C PHE A 277 -5.04 -5.49 1.60
N PHE A 278 -4.00 -5.91 0.88
CA PHE A 278 -3.99 -7.25 0.29
C PHE A 278 -2.58 -7.75 0.03
N LYS A 279 -2.46 -9.06 -0.21
CA LYS A 279 -1.17 -9.68 -0.51
C LYS A 279 -0.81 -9.50 -1.99
N GLY A 280 0.11 -8.59 -2.27
CA GLY A 280 0.55 -8.34 -3.63
C GLY A 280 1.50 -9.40 -4.13
N ASN A 281 1.89 -10.32 -3.23
CA ASN A 281 2.82 -11.38 -3.58
C ASN A 281 2.11 -12.66 -4.01
N GLU A 282 0.84 -12.80 -3.63
CA GLU A 282 0.07 -14.00 -3.94
C GLU A 282 -0.95 -13.78 -5.05
N TYR A 283 -1.71 -12.70 -4.95
CA TYR A 283 -2.75 -12.41 -5.93
C TYR A 283 -2.27 -11.50 -7.04
N LYS A 284 -2.38 -11.97 -8.28
CA LYS A 284 -1.98 -11.20 -9.45
C LYS A 284 -2.96 -10.05 -9.67
N HIS A 285 -2.43 -8.84 -9.80
CA HIS A 285 -3.26 -7.64 -9.89
C HIS A 285 -2.79 -6.69 -10.98
N VAL A 286 -3.64 -5.71 -11.30
CA VAL A 286 -3.33 -4.73 -12.34
C VAL A 286 -4.22 -3.49 -12.18
N VAL A 287 -3.71 -2.33 -12.57
CA VAL A 287 -4.46 -1.09 -12.52
C VAL A 287 -5.01 -0.74 -13.90
N ALA A 288 -6.28 -0.37 -13.95
CA ALA A 288 -6.92 0.00 -15.21
C ALA A 288 -6.56 1.43 -15.62
N ASN A 289 -6.74 1.71 -16.91
CA ASN A 289 -6.41 3.02 -17.46
C ASN A 289 -7.42 4.08 -17.05
N ILE A 290 -6.96 5.33 -16.98
CA ILE A 290 -7.87 6.45 -16.80
C ILE A 290 -7.83 7.32 -18.04
N THR A 291 -8.98 7.89 -18.39
CA THR A 291 -9.08 8.70 -19.59
C THR A 291 -9.05 10.18 -19.21
N SER A 292 -9.22 10.42 -17.92
CA SER A 292 -9.22 11.77 -17.38
C SER A 292 -8.77 11.76 -15.92
N GLY A 293 -8.44 12.92 -15.39
CA GLY A 293 -8.04 13.04 -13.99
C GLY A 293 -6.58 12.74 -13.74
N TRP A 294 -6.27 12.34 -12.52
CA TRP A 294 -4.90 12.03 -12.13
C TRP A 294 -4.91 11.05 -10.97
N ARG A 295 -4.42 9.84 -11.21
CA ARG A 295 -4.44 8.78 -10.20
C ARG A 295 -3.12 8.71 -9.46
N ILE A 296 -3.16 9.05 -8.17
CA ILE A 296 -1.97 9.02 -7.33
C ILE A 296 -2.17 8.04 -6.18
N GLY A 297 -1.31 7.03 -6.10
CA GLY A 297 -1.43 6.01 -5.08
C GLY A 297 -0.17 5.82 -4.26
N LEU A 298 -0.35 5.53 -2.98
CA LEU A 298 0.75 5.22 -2.09
C LEU A 298 0.67 3.77 -1.65
N VAL A 299 1.75 3.01 -1.86
CA VAL A 299 1.78 1.62 -1.44
C VAL A 299 2.79 1.40 -0.33
N TYR A 300 2.30 1.10 0.87
CA TYR A 300 3.16 0.82 2.01
C TYR A 300 3.41 -0.67 2.11
N PHE A 301 4.66 -1.07 1.88
CA PHE A 301 5.00 -2.49 1.79
C PHE A 301 6.23 -2.85 2.61
N ALA A 302 6.46 -4.15 2.75
CA ALA A 302 7.64 -4.66 3.43
C ALA A 302 8.20 -5.85 2.67
N HIS A 303 9.45 -5.75 2.23
CA HIS A 303 10.09 -6.84 1.49
C HIS A 303 10.64 -7.91 2.40
N LYS A 304 10.88 -9.09 1.84
CA LYS A 304 11.46 -10.20 2.59
C LYS A 304 12.87 -9.87 3.05
N GLY A 305 13.56 -9.04 2.27
CA GLY A 305 14.93 -8.67 2.56
C GLY A 305 15.06 -7.68 3.70
N SER A 306 13.93 -7.14 4.16
CA SER A 306 13.93 -6.20 5.27
C SER A 306 14.25 -6.90 6.58
N LYS A 307 14.11 -8.23 6.57
CA LYS A 307 14.36 -9.03 7.76
C LYS A 307 15.59 -9.92 7.57
N THR A 308 15.88 -10.26 6.32
CA THR A 308 16.99 -11.16 6.01
C THR A 308 18.28 -10.43 5.67
N LYS A 309 18.20 -9.48 4.74
CA LYS A 309 19.37 -8.76 4.26
C LYS A 309 19.85 -7.71 5.26
N PRO A 310 21.17 -7.46 5.29
CA PRO A 310 21.76 -6.45 6.20
C PRO A 310 21.45 -5.02 5.77
N TYR A 311 21.98 -4.06 6.52
CA TYR A 311 21.70 -2.64 6.28
C TYR A 311 22.89 -1.79 6.71
N TYR A 312 23.35 -0.92 5.81
CA TYR A 312 24.55 -0.13 6.07
C TYR A 312 24.25 1.36 6.19
N GLU A 313 22.97 1.71 6.29
CA GLU A 313 22.52 3.09 6.47
C GLU A 313 23.03 4.03 5.39
N ASP A 314 22.86 3.64 4.13
CA ASP A 314 23.33 4.46 3.02
C ASP A 314 22.57 4.12 1.73
N THR A 315 22.83 4.89 0.68
CA THR A 315 22.19 4.66 -0.61
C THR A 315 22.71 3.38 -1.26
N GLN A 316 22.16 3.05 -2.44
CA GLN A 316 22.47 1.77 -3.09
C GLN A 316 23.94 1.57 -3.41
N LYS A 317 24.48 2.38 -4.32
CA LYS A 317 25.84 2.19 -4.81
C LYS A 317 26.89 2.37 -3.72
N ASN A 318 26.64 3.28 -2.79
CA ASN A 318 27.54 3.49 -1.67
C ASN A 318 27.58 2.29 -0.73
N SER A 319 26.43 1.65 -0.56
CA SER A 319 26.33 0.50 0.33
C SER A 319 26.95 -0.75 -0.30
N LEU A 320 27.08 -0.76 -1.61
CA LEU A 320 27.70 -1.88 -2.31
C LEU A 320 29.20 -1.91 -2.05
N LYS A 321 29.81 -0.73 -1.96
CA LYS A 321 31.22 -0.59 -1.63
C LYS A 321 31.46 -1.08 -0.20
N ILE A 322 30.52 -0.78 0.68
CA ILE A 322 30.61 -1.19 2.08
C ILE A 322 30.39 -2.69 2.22
N HIS A 323 29.49 -3.22 1.38
CA HIS A 323 29.16 -4.65 1.41
C HIS A 323 30.35 -5.52 0.98
N LYS A 324 31.20 -4.97 0.13
CA LYS A 324 32.36 -5.70 -0.36
C LYS A 324 33.53 -5.62 0.62
N GLU A 325 33.58 -4.55 1.39
CA GLU A 325 34.64 -4.35 2.37
C GLU A 325 34.38 -5.12 3.66
N THR A 326 33.12 -5.49 3.88
CA THR A 326 32.74 -6.22 5.08
C THR A 326 32.78 -7.72 4.86
N LYS A 327 33.23 -8.13 3.68
CA LYS A 327 33.31 -9.55 3.33
C LYS A 327 34.30 -10.28 4.24
N1 5CM B 8 24.91 -4.02 -12.19
C2 5CM B 8 23.77 -3.21 -12.06
N3 5CM B 8 22.80 -3.20 -13.00
C4 5CM B 8 22.91 -3.97 -14.10
C5 5CM B 8 24.10 -4.84 -14.25
C5A 5CM B 8 24.25 -5.72 -15.46
C6 5CM B 8 25.07 -4.82 -13.26
O2 5CM B 8 23.66 -2.47 -11.05
N4 5CM B 8 21.94 -3.96 -15.04
C1' 5CM B 8 25.93 -3.99 -11.14
C2' 5CM B 8 26.49 -5.38 -10.89
C3' 5CM B 8 27.98 -5.16 -10.62
C4' 5CM B 8 28.24 -3.70 -10.99
O4' 5CM B 8 27.03 -3.15 -11.48
O3' 5CM B 8 28.24 -5.36 -9.22
C5' 5CM B 8 29.34 -3.61 -12.04
O5' 5CM B 8 29.08 -4.56 -13.07
P 5CM B 8 29.97 -4.61 -14.41
OP1 5CM B 8 29.56 -5.82 -15.20
OP2 5CM B 8 31.42 -4.42 -14.01
N1 5CM C 6 8.08 -2.15 -5.98
C2 5CM C 6 8.55 -3.30 -5.30
N3 5CM C 6 7.84 -3.85 -4.29
C4 5CM C 6 6.66 -3.33 -3.91
C5 5CM C 6 6.16 -2.12 -4.61
C5A 5CM C 6 4.84 -1.49 -4.22
C6 5CM C 6 6.92 -1.59 -5.64
O2 5CM C 6 9.64 -3.84 -5.62
N4 5CM C 6 5.95 -3.88 -2.90
C1' 5CM C 6 8.79 -1.51 -7.10
C2' 5CM C 6 10.28 -1.22 -6.89
C3' 5CM C 6 10.93 -1.57 -8.23
C4' 5CM C 6 9.81 -2.10 -9.10
O4' 5CM C 6 8.68 -2.32 -8.26
O3' 5CM C 6 11.48 -0.41 -8.82
C5' 5CM C 6 10.14 -3.38 -9.85
O5' 5CM C 6 8.89 -3.99 -10.17
P 5CM C 6 8.41 -4.12 -11.69
OP1 5CM C 6 8.83 -2.87 -12.42
OP2 5CM C 6 6.95 -4.54 -11.68
MN MN D . 1.74 -4.36 -7.27
C1 EDO E . -7.18 -4.72 -17.79
O1 EDO E . -7.07 -3.30 -17.67
C2 EDO E . -8.62 -5.10 -18.12
O2 EDO E . -9.48 -4.64 -17.06
C1 EDO F . -14.91 11.85 -9.79
O1 EDO F . -13.87 12.04 -8.81
C2 EDO F . -15.69 10.59 -9.46
O2 EDO F . -16.72 10.38 -10.45
C1 EDO G . 2.16 3.80 15.90
O1 EDO G . 0.96 3.99 15.14
C2 EDO G . 3.17 3.03 15.08
O2 EDO G . 4.40 2.91 15.80
C1 EDO H . -25.69 -2.24 5.64
O1 EDO H . -26.42 -2.05 6.85
C2 EDO H . -24.85 -3.52 5.74
O2 EDO H . -25.72 -4.66 5.76
C1 EDO I . 3.54 -12.28 8.40
O1 EDO I . 2.55 -11.35 7.92
C2 EDO I . 4.35 -12.80 7.21
O2 EDO I . 5.34 -13.71 7.68
C1 EDO J . -7.11 15.54 -11.48
O1 EDO J . -6.25 16.21 -10.54
C2 EDO J . -8.43 16.29 -11.61
O2 EDO J . -9.27 15.63 -12.54
C1 EDO K . 9.13 7.16 -16.41
O1 EDO K . 10.22 6.24 -16.39
C2 EDO K . 8.29 6.93 -17.66
O2 EDO K . 7.19 7.84 -17.68
S SO4 L . -19.07 6.43 6.13
O1 SO4 L . -18.19 5.29 6.36
O2 SO4 L . -18.36 7.41 5.31
O3 SO4 L . -20.27 5.99 5.45
O4 SO4 L . -19.42 7.04 7.42
S SO4 M . -14.49 13.57 6.51
O1 SO4 M . -14.19 12.82 5.30
O2 SO4 M . -13.73 14.82 6.53
O3 SO4 M . -15.92 13.90 6.54
O4 SO4 M . -14.15 12.79 7.68
S SO4 N . -4.89 -11.74 13.02
O1 SO4 N . -5.52 -12.75 12.17
O2 SO4 N . -3.74 -11.17 12.32
O3 SO4 N . -5.85 -10.69 13.32
O4 SO4 N . -4.44 -12.37 14.26
S SO4 O . 5.52 9.12 14.22
O1 SO4 O . 5.12 8.38 13.02
O2 SO4 O . 6.48 10.17 13.85
O3 SO4 O . 4.34 9.73 14.82
O4 SO4 O . 6.14 8.20 15.17
C1 OGA P . 1.92 -1.53 -7.13
C2 OGA P . 0.50 -1.81 -7.33
C4 OGA P . -1.78 -1.01 -7.22
C5 OGA P . -2.54 0.30 -7.25
O1 OGA P . 2.29 -0.36 -6.93
O2 OGA P . 2.74 -2.49 -7.18
O2' OGA P . 0.13 -2.94 -7.57
O3 OGA P . -3.79 0.27 -7.13
N1 OGA P . -0.35 -0.79 -7.24
O4 OGA P . -1.90 1.36 -7.38
C1 EDO Q . 15.41 1.97 -16.40
O1 EDO Q . 15.17 3.01 -15.46
C2 EDO Q . 16.13 2.53 -17.62
O2 EDO Q . 17.38 3.11 -17.21
C1 EDO R . 14.32 -2.69 -13.48
O1 EDO R . 14.65 -1.63 -14.38
C2 EDO R . 15.59 -3.45 -13.10
O2 EDO R . 15.26 -4.47 -12.14
#